data_2X4F
#
_entry.id   2X4F
#
_cell.length_a   148.880
_cell.length_b   70.650
_cell.length_c   96.570
_cell.angle_alpha   90.00
_cell.angle_beta   118.96
_cell.angle_gamma   90.00
#
_symmetry.space_group_name_H-M   'C 1 2 1'
#
loop_
_entity.id
_entity.type
_entity.pdbx_description
1 polymer 'MYOSIN LIGHT CHAIN KINASE FAMILY MEMBER 4'
2 non-polymer 4-(2-amino-4-methyl-1,3-thiazol-5-yl)-N-(3-dioxaziridin-3-ylphenyl)pyrimidin-2-amine
3 non-polymer 'SULFATE ION'
4 non-polymer 'PENTAETHYLENE GLYCOL'
5 non-polymer 1,2-ETHANEDIOL
6 water water
#
_entity_poly.entity_id   1
_entity_poly.type   'polypeptide(L)'
_entity_poly.pdbx_seq_one_letter_code
;MGHHHHHHSSGVDLGTENLYFQSMKNSGDQDSRSGHNEAKEVWSNADLTERMPVKSKRTSALAVDIPAPPAPFDHRIVTA
KQGAVNSFYTVSKTEILGGGRFGQVHKCEETATGLKLAAKIIKTRGMKDKEEVKNEISVMNQLDHANLIQLYDAFESKND
IVLVMEYVDGGELFDRIIDESYNLTELDTILFMKQICEGIRHMHQMYILHLDLKPENILCVNRDAKQIKIIDFGLARRYK
PREKLKVNFGTPEFLAPEVVNYDFVSFPTDMWSVGVIAYMLLSGLSPFLGDNDAETLNNILACRWDLEDEEFQDISEEAK
EFISKLLIKEKSWRISASEALKHPWLSDHKLHSRLSAQKKKNRGSDAQDFVTK
;
_entity_poly.pdbx_strand_id   A,B
#
# COMPACT_ATOMS: atom_id res chain seq x y z
N ASP A 65 2.91 -11.46 -22.56
CA ASP A 65 4.27 -12.10 -22.49
C ASP A 65 4.58 -12.73 -21.10
N ILE A 66 5.85 -13.15 -20.92
CA ILE A 66 6.36 -13.91 -19.75
C ILE A 66 7.03 -12.98 -18.71
N PRO A 67 6.66 -13.13 -17.41
CA PRO A 67 7.27 -12.31 -16.31
C PRO A 67 8.77 -12.60 -16.13
N ALA A 68 9.55 -11.55 -15.86
CA ALA A 68 11.01 -11.63 -15.76
C ALA A 68 11.49 -12.71 -14.79
N PRO A 69 12.63 -13.36 -15.10
CA PRO A 69 13.12 -14.33 -14.13
C PRO A 69 13.65 -13.60 -12.90
N PRO A 70 13.40 -14.19 -11.70
CA PRO A 70 13.82 -13.63 -10.42
C PRO A 70 15.33 -13.64 -10.24
N ALA A 71 15.81 -12.89 -9.25
CA ALA A 71 17.21 -13.00 -8.83
C ALA A 71 17.54 -14.45 -8.42
N PRO A 72 18.79 -14.87 -8.64
CA PRO A 72 19.19 -16.21 -8.27
C PRO A 72 19.40 -16.37 -6.78
N PHE A 73 18.87 -15.46 -5.98
CA PHE A 73 18.92 -15.57 -4.53
C PHE A 73 17.61 -15.04 -3.95
N ASP A 74 17.26 -15.45 -2.73
CA ASP A 74 16.06 -14.92 -2.08
C ASP A 74 16.29 -13.48 -1.63
N HIS A 75 15.22 -12.68 -1.66
CA HIS A 75 15.25 -11.30 -1.17
C HIS A 75 15.84 -11.20 0.25
N ARG A 76 16.78 -10.27 0.43
CA ARG A 76 17.49 -10.14 1.71
C ARG A 76 17.19 -8.80 2.38
N ILE A 77 17.20 -8.78 3.70
CA ILE A 77 17.29 -7.53 4.43
C ILE A 77 18.77 -7.26 4.61
N VAL A 78 19.33 -6.45 3.72
CA VAL A 78 20.74 -6.08 3.78
C VAL A 78 21.04 -4.92 4.74
N THR A 79 22.09 -5.09 5.55
CA THR A 79 22.67 -4.04 6.37
C THR A 79 24.11 -3.88 5.95
N ALA A 80 24.56 -2.64 5.78
CA ALA A 80 25.90 -2.36 5.29
C ALA A 80 26.94 -2.79 6.32
N LYS A 81 27.88 -3.62 5.89
CA LYS A 81 28.98 -4.07 6.73
C LYS A 81 30.11 -3.04 6.69
N GLN A 82 30.80 -2.87 7.82
CA GLN A 82 32.05 -2.12 7.85
C GLN A 82 33.20 -2.97 7.33
N GLY A 83 33.86 -2.50 6.29
CA GLY A 83 34.98 -3.24 5.72
C GLY A 83 35.07 -3.15 4.21
N ALA A 84 35.92 -4.00 3.64
CA ALA A 84 36.20 -3.97 2.22
C ALA A 84 35.44 -5.07 1.52
N VAL A 85 34.71 -4.65 0.48
CA VAL A 85 34.06 -5.54 -0.47
C VAL A 85 35.03 -6.62 -0.95
N ASN A 86 36.28 -6.20 -1.21
CA ASN A 86 37.36 -7.05 -1.68
C ASN A 86 37.62 -8.30 -0.87
N SER A 87 37.25 -8.25 0.40
CA SER A 87 37.49 -9.35 1.33
C SER A 87 36.52 -10.49 1.13
N PHE A 88 35.41 -10.24 0.44
CA PHE A 88 34.40 -11.27 0.20
C PHE A 88 33.97 -11.34 -1.25
N TYR A 89 34.40 -10.37 -2.05
CA TYR A 89 34.04 -10.35 -3.48
C TYR A 89 35.25 -10.07 -4.34
N THR A 90 35.28 -10.71 -5.50
CA THR A 90 36.28 -10.40 -6.50
C THR A 90 35.62 -9.47 -7.50
N VAL A 91 35.99 -8.19 -7.44
CA VAL A 91 35.40 -7.15 -8.28
C VAL A 91 36.20 -7.06 -9.57
N SER A 92 35.52 -7.10 -10.71
CA SER A 92 36.19 -7.01 -11.99
C SER A 92 36.65 -5.59 -12.29
N LYS A 93 37.89 -5.47 -12.75
CA LYS A 93 38.51 -4.18 -13.04
C LYS A 93 38.36 -3.79 -14.51
N THR A 94 38.00 -4.76 -15.36
CA THR A 94 37.81 -4.52 -16.79
C THR A 94 36.34 -4.49 -17.20
N GLU A 95 35.50 -5.31 -16.57
CA GLU A 95 34.07 -5.34 -16.94
C GLU A 95 33.23 -4.35 -16.16
N ILE A 96 32.93 -3.25 -16.82
CA ILE A 96 32.17 -2.16 -16.24
C ILE A 96 30.82 -2.08 -16.93
N LEU A 97 29.76 -1.99 -16.13
CA LEU A 97 28.41 -2.14 -16.63
C LEU A 97 27.71 -0.81 -16.91
N GLY A 98 28.05 0.24 -16.16
CA GLY A 98 27.43 1.55 -16.36
C GLY A 98 28.18 2.70 -15.72
N GLN A 104 29.99 4.17 -10.30
CA GLN A 104 30.40 3.16 -11.28
C GLN A 104 29.99 1.74 -10.90
N VAL A 105 29.60 0.97 -11.91
CA VAL A 105 29.14 -0.41 -11.72
C VAL A 105 30.10 -1.41 -12.36
N HIS A 106 30.61 -2.31 -11.54
CA HIS A 106 31.53 -3.36 -11.96
C HIS A 106 30.89 -4.74 -11.83
N LYS A 107 31.16 -5.62 -12.79
CA LYS A 107 30.87 -7.03 -12.59
C LYS A 107 31.71 -7.54 -11.41
N CYS A 108 31.17 -8.49 -10.69
CA CYS A 108 31.89 -9.08 -9.58
C CYS A 108 31.35 -10.47 -9.26
N GLU A 109 31.85 -11.19 -8.36
CA GLU A 109 31.70 -12.60 -8.05
C GLU A 109 31.85 -12.77 -6.55
N GLU A 110 30.99 -13.45 -5.80
CA GLU A 110 31.24 -13.74 -4.40
C GLU A 110 32.34 -14.78 -4.38
N THR A 111 33.45 -14.45 -3.74
CA THR A 111 34.62 -15.32 -3.70
C THR A 111 34.31 -16.77 -3.25
N ALA A 112 33.53 -16.91 -2.16
CA ALA A 112 33.24 -18.20 -1.54
C ALA A 112 32.34 -19.12 -2.36
N THR A 113 31.41 -18.56 -3.12
CA THR A 113 30.39 -19.34 -3.77
C THR A 113 30.52 -19.35 -5.30
N GLY A 114 31.10 -18.30 -5.84
CA GLY A 114 31.25 -18.16 -7.29
C GLY A 114 30.11 -17.39 -7.92
N LEU A 115 29.12 -17.04 -7.10
CA LEU A 115 27.90 -16.43 -7.57
C LEU A 115 28.21 -15.08 -8.22
N LYS A 116 27.65 -14.88 -9.41
CA LYS A 116 27.90 -13.70 -10.21
C LYS A 116 26.94 -12.57 -9.82
N LEU A 117 27.52 -11.40 -9.49
CA LEU A 117 26.74 -10.25 -9.00
C LEU A 117 27.26 -8.95 -9.65
N ALA A 118 26.70 -7.80 -9.27
CA ALA A 118 27.18 -6.51 -9.78
C ALA A 118 27.52 -5.62 -8.61
N ALA A 119 28.59 -4.84 -8.76
CA ALA A 119 29.07 -4.00 -7.67
C ALA A 119 29.01 -2.51 -7.99
N LYS A 120 28.11 -1.79 -7.33
CA LYS A 120 27.97 -0.33 -7.52
C LYS A 120 28.76 0.39 -6.45
N ILE A 121 29.87 1.01 -6.86
CA ILE A 121 30.68 1.80 -5.93
C ILE A 121 30.10 3.20 -5.92
N ILE A 122 29.46 3.58 -4.81
CA ILE A 122 28.92 4.94 -4.70
C ILE A 122 29.84 5.82 -3.85
N LYS A 123 30.44 6.83 -4.49
CA LYS A 123 31.32 7.75 -3.77
C LYS A 123 30.51 8.68 -2.87
N THR A 124 30.96 8.83 -1.63
CA THR A 124 30.27 9.65 -0.63
C THR A 124 31.20 10.68 0.02
N ARG A 125 30.95 11.97 -0.21
CA ARG A 125 31.73 13.02 0.41
C ARG A 125 31.38 13.13 1.91
N GLY A 126 30.12 13.49 2.20
CA GLY A 126 29.74 13.78 3.59
C GLY A 126 28.94 12.69 4.28
N MET A 127 28.64 12.94 5.56
CA MET A 127 27.77 12.06 6.35
C MET A 127 26.36 11.99 5.74
N LYS A 128 25.88 13.11 5.20
CA LYS A 128 24.57 13.16 4.55
C LYS A 128 24.53 12.26 3.33
N ASP A 129 25.62 12.23 2.56
CA ASP A 129 25.77 11.34 1.39
C ASP A 129 25.66 9.87 1.81
N LYS A 130 26.25 9.55 2.93
CA LYS A 130 26.26 8.21 3.45
C LYS A 130 24.87 7.85 3.88
N GLU A 131 24.20 8.79 4.50
CA GLU A 131 22.84 8.61 4.96
C GLU A 131 21.84 8.41 3.82
N GLU A 132 22.11 9.01 2.69
CA GLU A 132 21.28 8.84 1.52
C GLU A 132 21.37 7.43 0.98
N VAL A 133 22.56 6.85 1.04
CA VAL A 133 22.77 5.51 0.52
C VAL A 133 22.14 4.49 1.48
N LYS A 134 22.31 4.73 2.77
CA LYS A 134 21.71 3.87 3.78
C LYS A 134 20.18 3.91 3.69
N ASN A 135 19.61 5.01 3.22
CA ASN A 135 18.19 5.02 2.92
C ASN A 135 17.88 4.14 1.71
N GLU A 136 18.75 4.21 0.70
CA GLU A 136 18.59 3.43 -0.51
C GLU A 136 18.57 1.94 -0.19
N ILE A 137 19.48 1.51 0.68
CA ILE A 137 19.54 0.12 1.15
C ILE A 137 18.24 -0.25 1.80
N SER A 138 17.87 0.53 2.81
CA SER A 138 16.60 0.40 3.49
C SER A 138 15.37 0.31 2.58
N VAL A 139 15.41 1.01 1.45
CA VAL A 139 14.31 0.96 0.51
C VAL A 139 14.34 -0.37 -0.27
N MET A 140 15.51 -0.72 -0.81
CA MET A 140 15.64 -2.00 -1.54
C MET A 140 15.15 -3.13 -0.66
N ASN A 141 15.50 -3.06 0.63
CA ASN A 141 15.02 -4.03 1.61
C ASN A 141 13.52 -4.28 1.61
N GLN A 142 12.74 -3.34 1.11
CA GLN A 142 11.29 -3.49 1.17
C GLN A 142 10.71 -3.85 -0.18
N LEU A 143 11.59 -4.03 -1.17
CA LEU A 143 11.19 -4.23 -2.57
C LEU A 143 11.65 -5.58 -3.07
N ASP A 144 10.72 -6.54 -3.05
CA ASP A 144 10.96 -7.90 -3.53
C ASP A 144 10.07 -8.23 -4.71
N HIS A 145 10.63 -8.13 -5.91
CA HIS A 145 9.83 -8.24 -7.13
C HIS A 145 10.76 -8.43 -8.31
N ALA A 146 10.34 -9.24 -9.27
CA ALA A 146 11.19 -9.61 -10.38
C ALA A 146 11.57 -8.44 -11.32
N ASN A 147 10.80 -7.35 -11.31
CA ASN A 147 11.16 -6.22 -12.14
C ASN A 147 11.97 -5.17 -11.38
N LEU A 148 12.36 -5.49 -10.14
CA LEU A 148 13.19 -4.59 -9.33
C LEU A 148 14.48 -5.28 -8.91
N ILE A 149 15.62 -4.69 -9.29
CA ILE A 149 16.92 -5.28 -9.00
C ILE A 149 17.06 -5.51 -7.50
N GLN A 150 17.72 -6.60 -7.12
CA GLN A 150 17.78 -7.03 -5.73
C GLN A 150 19.14 -6.81 -5.07
N LEU A 151 19.10 -6.39 -3.83
CA LEU A 151 20.31 -6.11 -3.10
C LEU A 151 20.77 -7.42 -2.50
N TYR A 152 22.09 -7.65 -2.53
CA TYR A 152 22.65 -8.91 -2.06
C TYR A 152 23.52 -8.67 -0.84
N ASP A 153 24.33 -7.60 -0.91
CA ASP A 153 25.21 -7.23 0.19
C ASP A 153 25.63 -5.78 0.02
N ALA A 154 26.25 -5.20 1.04
CA ALA A 154 26.69 -3.79 1.01
C ALA A 154 27.88 -3.53 1.96
N PHE A 155 28.78 -2.64 1.54
CA PHE A 155 30.00 -2.35 2.31
C PHE A 155 30.29 -0.85 2.37
N GLU A 156 30.63 -0.38 3.57
CA GLU A 156 30.89 1.04 3.82
C GLU A 156 32.37 1.24 4.14
N SER A 157 33.00 2.18 3.44
CA SER A 157 34.37 2.60 3.74
C SER A 157 34.35 4.09 4.05
N LYS A 158 35.54 4.68 4.24
CA LYS A 158 35.63 6.11 4.51
C LYS A 158 34.99 6.95 3.38
N ASN A 159 35.22 6.58 2.13
CA ASN A 159 34.87 7.44 0.99
C ASN A 159 33.78 6.92 0.06
N ASP A 160 33.19 5.79 0.42
CA ASP A 160 32.20 5.17 -0.44
C ASP A 160 31.44 4.06 0.26
N ILE A 161 30.28 3.76 -0.30
CA ILE A 161 29.52 2.57 0.03
C ILE A 161 29.36 1.75 -1.24
N VAL A 162 29.64 0.46 -1.13
CA VAL A 162 29.52 -0.42 -2.27
C VAL A 162 28.26 -1.23 -2.08
N LEU A 163 27.43 -1.31 -3.11
CA LEU A 163 26.31 -2.21 -3.08
C LEU A 163 26.59 -3.39 -4.00
N VAL A 164 26.36 -4.60 -3.51
CA VAL A 164 26.43 -5.77 -4.35
C VAL A 164 25.00 -6.17 -4.68
N MET A 165 24.72 -6.36 -5.97
CA MET A 165 23.38 -6.57 -6.46
C MET A 165 23.33 -7.74 -7.42
N GLU A 166 22.11 -8.24 -7.59
CA GLU A 166 21.75 -9.11 -8.67
C GLU A 166 22.43 -8.58 -9.95
N TYR A 167 23.04 -9.50 -10.71
CA TYR A 167 23.58 -9.19 -12.04
C TYR A 167 22.69 -9.77 -13.12
N VAL A 168 22.35 -8.97 -14.13
CA VAL A 168 21.56 -9.41 -15.27
C VAL A 168 22.50 -9.61 -16.46
N ASP A 169 22.68 -10.86 -16.89
CA ASP A 169 23.53 -11.14 -18.04
C ASP A 169 22.94 -10.59 -19.34
N GLY A 170 23.74 -9.84 -20.10
CA GLY A 170 23.29 -9.28 -21.37
C GLY A 170 22.21 -8.21 -21.28
N GLY A 171 22.24 -7.41 -20.21
CA GLY A 171 21.36 -6.26 -20.09
C GLY A 171 21.67 -5.16 -21.10
N GLU A 172 20.65 -4.41 -21.51
CA GLU A 172 20.81 -3.20 -22.32
C GLU A 172 19.97 -2.11 -21.65
N LEU A 173 20.57 -0.95 -21.35
CA LEU A 173 19.86 0.18 -20.74
C LEU A 173 18.83 0.75 -21.71
N PHE A 174 17.76 1.27 -21.12
CA PHE A 174 16.59 1.64 -21.88
C PHE A 174 16.76 2.88 -22.77
N ASP A 175 17.75 3.71 -22.50
CA ASP A 175 18.02 4.84 -23.38
C ASP A 175 18.49 4.35 -24.73
N ARG A 176 19.17 3.20 -24.73
CA ARG A 176 19.55 2.50 -25.95
C ARG A 176 18.34 1.99 -26.69
N ILE A 177 17.44 1.31 -25.99
CA ILE A 177 16.23 0.78 -26.60
C ILE A 177 15.48 1.94 -27.30
N ILE A 178 15.48 3.10 -26.64
CA ILE A 178 14.75 4.26 -27.11
C ILE A 178 15.43 4.90 -28.33
N ASP A 179 16.76 5.01 -28.29
CA ASP A 179 17.52 5.44 -29.46
C ASP A 179 17.16 4.59 -30.68
N GLU A 180 16.78 3.33 -30.44
CA GLU A 180 16.44 2.40 -31.51
C GLU A 180 14.94 2.11 -31.61
N SER A 181 14.14 3.10 -31.24
CA SER A 181 12.68 2.99 -31.19
C SER A 181 12.03 2.53 -32.51
N TYR A 182 12.71 2.76 -33.63
CA TYR A 182 12.25 2.34 -34.95
C TYR A 182 12.15 0.81 -35.10
N ASN A 183 12.87 0.08 -34.24
CA ASN A 183 12.79 -1.39 -34.10
C ASN A 183 11.49 -1.89 -33.54
N LEU A 184 10.87 -1.07 -32.69
CA LEU A 184 9.75 -1.50 -31.89
C LEU A 184 8.42 -1.28 -32.61
N THR A 185 7.57 -2.31 -32.62
CA THR A 185 6.17 -2.15 -32.99
C THR A 185 5.48 -1.53 -31.79
N GLU A 186 4.22 -1.14 -31.95
CA GLU A 186 3.46 -0.59 -30.82
C GLU A 186 3.26 -1.68 -29.75
N LEU A 187 3.06 -2.91 -30.21
CA LEU A 187 2.86 -4.03 -29.32
C LEU A 187 4.09 -4.27 -28.44
N ASP A 188 5.28 -4.14 -29.02
CA ASP A 188 6.55 -4.24 -28.28
C ASP A 188 6.61 -3.27 -27.12
N THR A 189 6.20 -2.04 -27.39
CA THR A 189 6.19 -0.98 -26.41
C THR A 189 5.14 -1.26 -25.35
N ILE A 190 3.95 -1.66 -25.78
CA ILE A 190 2.90 -2.04 -24.86
C ILE A 190 3.45 -3.04 -23.87
N LEU A 191 4.10 -4.08 -24.38
CA LEU A 191 4.63 -5.13 -23.53
C LEU A 191 5.74 -4.61 -22.59
N PHE A 192 6.62 -3.72 -23.06
CA PHE A 192 7.64 -3.15 -22.17
C PHE A 192 6.95 -2.32 -21.12
N MET A 193 5.90 -1.61 -21.53
CA MET A 193 5.17 -0.73 -20.61
C MET A 193 4.41 -1.48 -19.50
N LYS A 194 3.81 -2.64 -19.82
CA LYS A 194 3.20 -3.48 -18.79
C LYS A 194 4.21 -3.81 -17.69
N GLN A 195 5.45 -4.08 -18.09
CA GLN A 195 6.46 -4.49 -17.16
C GLN A 195 6.91 -3.35 -16.30
N ILE A 196 7.20 -2.22 -16.92
CA ILE A 196 7.55 -0.97 -16.20
C ILE A 196 6.45 -0.60 -15.19
N CYS A 197 5.20 -0.59 -15.63
CA CYS A 197 4.08 -0.37 -14.72
C CYS A 197 3.99 -1.42 -13.59
N GLU A 198 4.22 -2.70 -13.90
CA GLU A 198 4.27 -3.73 -12.88
C GLU A 198 5.25 -3.40 -11.76
N GLY A 199 6.46 -3.02 -12.13
CA GLY A 199 7.47 -2.62 -11.16
C GLY A 199 7.02 -1.44 -10.31
N ILE A 200 6.46 -0.42 -10.98
CA ILE A 200 5.98 0.77 -10.28
C ILE A 200 4.76 0.45 -9.45
N ARG A 201 3.83 -0.34 -10.00
CA ARG A 201 2.66 -0.73 -9.23
C ARG A 201 3.10 -1.41 -7.95
N HIS A 202 4.13 -2.27 -8.03
CA HIS A 202 4.60 -2.92 -6.82
C HIS A 202 5.21 -1.94 -5.84
N MET A 203 6.03 -1.02 -6.32
CA MET A 203 6.65 -0.05 -5.42
C MET A 203 5.59 0.76 -4.69
N HIS A 204 4.60 1.25 -5.44
CA HIS A 204 3.57 2.04 -4.84
C HIS A 204 2.73 1.24 -3.86
N GLN A 205 2.43 -0.02 -4.17
CA GLN A 205 1.64 -0.73 -3.18
C GLN A 205 2.48 -1.06 -1.92
N MET A 206 3.80 -0.92 -2.05
CA MET A 206 4.68 -0.99 -0.89
C MET A 206 4.95 0.40 -0.30
N TYR A 207 4.14 1.40 -0.70
CA TYR A 207 4.24 2.74 -0.15
C TYR A 207 5.58 3.44 -0.45
N ILE A 208 6.16 3.09 -1.60
CA ILE A 208 7.44 3.63 -1.97
C ILE A 208 7.42 4.38 -3.30
N LEU A 209 8.09 5.54 -3.31
CA LEU A 209 8.20 6.40 -4.47
C LEU A 209 9.58 6.18 -5.09
N HIS A 210 9.64 6.15 -6.42
CA HIS A 210 10.91 5.99 -7.12
C HIS A 210 11.63 7.33 -7.26
N LEU A 211 10.94 8.27 -7.92
CA LEU A 211 11.35 9.68 -8.00
C LEU A 211 12.51 9.94 -8.98
N ASP A 212 12.91 8.93 -9.71
CA ASP A 212 13.98 9.13 -10.66
C ASP A 212 13.79 8.23 -11.87
N LEU A 213 12.53 7.95 -12.20
CA LEU A 213 12.19 7.05 -13.29
C LEU A 213 12.52 7.67 -14.65
N LYS A 214 13.62 7.20 -15.24
CA LYS A 214 14.02 7.61 -16.58
C LYS A 214 14.72 6.47 -17.27
N PRO A 215 14.79 6.52 -18.61
CA PRO A 215 15.35 5.39 -19.35
C PRO A 215 16.71 4.87 -18.83
N GLU A 216 17.63 5.75 -18.43
CA GLU A 216 18.94 5.29 -17.95
C GLU A 216 18.87 4.49 -16.62
N ASN A 217 17.70 4.48 -15.98
CA ASN A 217 17.56 3.69 -14.76
C ASN A 217 16.74 2.40 -14.95
N ILE A 218 16.52 2.02 -16.20
CA ILE A 218 15.75 0.82 -16.49
C ILE A 218 16.53 -0.07 -17.43
N LEU A 219 16.62 -1.35 -17.07
CA LEU A 219 17.40 -2.29 -17.86
C LEU A 219 16.47 -3.20 -18.62
N CYS A 220 16.71 -3.31 -19.92
CA CYS A 220 16.01 -4.29 -20.72
C CYS A 220 16.75 -5.60 -20.55
N VAL A 221 16.13 -6.50 -19.80
CA VAL A 221 16.68 -7.81 -19.49
C VAL A 221 16.82 -8.61 -20.78
N ASN A 222 15.76 -8.69 -21.57
CA ASN A 222 15.74 -9.46 -22.81
C ASN A 222 14.81 -8.72 -23.76
N ARG A 223 15.25 -8.46 -24.98
CA ARG A 223 14.39 -7.80 -25.96
C ARG A 223 13.22 -8.59 -26.43
N ASP A 224 13.43 -9.88 -26.69
CA ASP A 224 12.37 -10.73 -27.23
C ASP A 224 11.25 -11.01 -26.25
N ALA A 225 11.62 -11.40 -25.04
CA ALA A 225 10.66 -11.66 -23.98
C ALA A 225 10.07 -10.37 -23.43
N LYS A 226 10.63 -9.24 -23.83
CA LYS A 226 10.16 -7.93 -23.37
C LYS A 226 10.26 -7.75 -21.88
N GLN A 227 11.37 -8.13 -21.30
CA GLN A 227 11.55 -8.11 -19.85
C GLN A 227 12.45 -6.96 -19.38
N ILE A 228 12.06 -6.35 -18.27
CA ILE A 228 12.74 -5.16 -17.76
C ILE A 228 13.06 -5.30 -16.28
N LYS A 229 14.05 -4.53 -15.85
CA LYS A 229 14.37 -4.36 -14.43
C LYS A 229 14.75 -2.92 -14.15
N ILE A 230 14.10 -2.37 -13.14
CA ILE A 230 14.45 -1.06 -12.63
C ILE A 230 15.73 -1.32 -11.83
N ILE A 231 16.80 -0.60 -12.18
CA ILE A 231 18.12 -0.93 -11.64
C ILE A 231 18.78 0.10 -10.72
N ASP A 232 18.06 1.18 -10.39
CA ASP A 232 18.59 2.20 -9.47
C ASP A 232 17.46 2.77 -8.61
N PHE A 233 17.76 2.97 -7.34
CA PHE A 233 16.78 3.50 -6.37
C PHE A 233 17.39 4.64 -5.58
N GLY A 234 18.23 5.39 -6.28
CA GLY A 234 19.03 6.46 -5.69
C GLY A 234 18.23 7.54 -4.99
N LEU A 235 17.08 7.88 -5.55
CA LEU A 235 16.22 8.88 -4.96
C LEU A 235 14.99 8.26 -4.29
N ALA A 236 14.78 6.95 -4.47
CA ALA A 236 13.58 6.29 -3.92
C ALA A 236 13.44 6.56 -2.44
N ARG A 237 12.20 6.56 -1.98
CA ARG A 237 11.93 6.69 -0.55
C ARG A 237 10.51 6.27 -0.22
N ARG A 238 10.34 5.90 1.03
CA ARG A 238 9.06 5.54 1.56
C ARG A 238 8.17 6.78 1.56
N TYR A 239 6.89 6.63 1.27
CA TYR A 239 6.07 7.80 1.09
C TYR A 239 5.93 8.60 2.38
N LYS A 240 6.18 9.91 2.30
CA LYS A 240 5.79 10.84 3.38
C LYS A 240 5.13 12.06 2.81
N PRO A 241 4.24 12.71 3.59
CA PRO A 241 3.76 14.04 3.24
C PRO A 241 4.88 15.07 3.29
N ARG A 242 4.74 16.10 2.49
CA ARG A 242 5.62 17.27 2.52
C ARG A 242 7.05 16.94 2.11
N GLU A 243 7.13 16.04 1.14
CA GLU A 243 8.38 15.63 0.60
C GLU A 243 8.74 16.54 -0.55
N LYS A 244 9.70 17.40 -0.29
CA LYS A 244 10.25 18.28 -1.30
C LYS A 244 11.63 17.75 -1.70
N LEU A 245 11.91 17.73 -3.01
CA LEU A 245 13.21 17.30 -3.52
C LEU A 245 14.20 18.45 -3.71
N LYS A 246 15.47 18.15 -3.53
CA LYS A 246 16.52 19.08 -3.93
C LYS A 246 16.83 18.76 -5.38
N VAL A 247 16.87 19.78 -6.22
CA VAL A 247 16.97 19.57 -7.65
C VAL A 247 17.86 20.62 -8.32
N ASN A 248 18.32 20.25 -9.51
N ASN A 248 18.45 20.22 -9.44
CA ASN A 248 19.26 21.01 -10.28
CA ASN A 248 19.28 21.07 -10.28
C ASN A 248 18.62 21.05 -11.67
C ASN A 248 18.60 21.08 -11.63
N PHE A 249 18.68 22.20 -12.35
CA PHE A 249 17.99 22.31 -13.65
C PHE A 249 18.81 22.02 -14.90
N GLY A 250 20.06 21.55 -14.70
CA GLY A 250 20.84 21.04 -15.82
C GLY A 250 20.18 19.80 -16.40
N THR A 251 19.88 19.81 -17.70
CA THR A 251 19.28 18.68 -18.44
C THR A 251 18.03 18.15 -17.74
N PRO A 252 16.94 18.93 -17.79
CA PRO A 252 15.79 18.72 -16.94
C PRO A 252 14.59 18.07 -17.62
N GLU A 253 14.78 17.48 -18.78
CA GLU A 253 13.66 16.95 -19.57
C GLU A 253 12.80 15.88 -18.89
N PHE A 254 13.33 15.25 -17.85
CA PHE A 254 12.64 14.18 -17.15
C PHE A 254 11.90 14.61 -15.89
N LEU A 255 12.12 15.86 -15.47
CA LEU A 255 11.57 16.36 -14.22
C LEU A 255 10.09 16.56 -14.32
N ALA A 256 9.37 16.16 -13.27
CA ALA A 256 7.93 16.38 -13.20
C ALA A 256 7.69 17.86 -12.87
N PRO A 257 6.54 18.42 -13.30
CA PRO A 257 6.41 19.84 -13.01
C PRO A 257 6.40 20.18 -11.53
N GLU A 258 5.95 19.28 -10.66
CA GLU A 258 5.98 19.54 -9.22
C GLU A 258 7.40 19.57 -8.69
N VAL A 259 8.31 18.88 -9.38
CA VAL A 259 9.70 18.84 -8.95
C VAL A 259 10.36 20.14 -9.40
N VAL A 260 10.03 20.54 -10.63
CA VAL A 260 10.50 21.81 -11.13
C VAL A 260 9.99 22.99 -10.29
N ASN A 261 8.73 22.94 -9.84
CA ASN A 261 8.19 24.06 -9.06
C ASN A 261 8.49 23.99 -7.55
N TYR A 262 9.42 23.12 -7.15
CA TYR A 262 9.70 22.91 -5.73
C TYR A 262 8.43 22.67 -4.88
N ASP A 263 7.49 21.88 -5.41
CA ASP A 263 6.31 21.43 -4.68
C ASP A 263 6.62 20.04 -4.14
N PHE A 264 5.69 19.47 -3.37
CA PHE A 264 5.84 18.15 -2.80
C PHE A 264 5.66 17.04 -3.85
N VAL A 265 6.37 15.94 -3.65
CA VAL A 265 6.27 14.76 -4.52
C VAL A 265 5.45 13.64 -3.89
N SER A 266 4.85 12.80 -4.73
CA SER A 266 4.11 11.64 -4.29
C SER A 266 3.91 10.63 -5.45
N PHE A 267 3.01 9.69 -5.29
CA PHE A 267 2.87 8.65 -6.25
C PHE A 267 2.69 9.14 -7.69
N PRO A 268 1.84 10.19 -7.91
CA PRO A 268 1.71 10.70 -9.28
C PRO A 268 3.04 11.20 -9.88
N THR A 269 4.01 11.51 -9.02
CA THR A 269 5.30 11.98 -9.53
C THR A 269 5.94 10.91 -10.39
N ASP A 270 5.78 9.65 -9.99
CA ASP A 270 6.28 8.54 -10.79
C ASP A 270 5.42 8.36 -12.02
N MET A 271 4.11 8.59 -11.92
CA MET A 271 3.27 8.34 -13.08
C MET A 271 3.50 9.30 -14.26
N TRP A 272 3.90 10.53 -13.96
CA TRP A 272 4.36 11.47 -14.98
C TRP A 272 5.49 10.84 -15.79
N SER A 273 6.47 10.26 -15.11
CA SER A 273 7.62 9.68 -15.77
C SER A 273 7.23 8.50 -16.61
N VAL A 274 6.27 7.74 -16.14
CA VAL A 274 5.72 6.65 -16.90
C VAL A 274 5.18 7.22 -18.21
N GLY A 275 4.44 8.31 -18.12
CA GLY A 275 3.90 8.95 -19.32
C GLY A 275 5.03 9.27 -20.29
N VAL A 276 6.10 9.90 -19.75
CA VAL A 276 7.24 10.35 -20.54
C VAL A 276 7.86 9.16 -21.27
N ILE A 277 8.15 8.10 -20.52
CA ILE A 277 8.75 6.90 -21.10
C ILE A 277 7.85 6.33 -22.21
N ALA A 278 6.54 6.27 -21.99
CA ALA A 278 5.63 5.76 -23.02
C ALA A 278 5.75 6.59 -24.31
N TYR A 279 5.69 7.92 -24.16
CA TYR A 279 5.85 8.84 -25.29
C TYR A 279 7.14 8.52 -26.04
N MET A 280 8.23 8.32 -25.30
CA MET A 280 9.57 8.07 -25.86
C MET A 280 9.76 6.72 -26.58
N LEU A 281 9.19 5.65 -26.03
CA LEU A 281 9.22 4.35 -26.71
C LEU A 281 8.44 4.39 -28.02
N LEU A 282 7.32 5.12 -28.03
CA LEU A 282 6.46 5.16 -29.20
C LEU A 282 7.04 5.97 -30.35
N SER A 283 7.87 6.96 -30.00
CA SER A 283 8.30 7.95 -30.99
C SER A 283 9.81 8.14 -31.07
N GLY A 284 10.53 7.81 -30.00
CA GLY A 284 11.98 8.04 -29.94
C GLY A 284 12.31 9.49 -29.60
N LEU A 285 11.27 10.29 -29.40
CA LEU A 285 11.40 11.70 -29.05
C LEU A 285 11.09 11.99 -27.57
N SER A 286 11.83 12.95 -27.01
CA SER A 286 11.59 13.42 -25.66
C SER A 286 10.48 14.48 -25.68
N PRO A 287 9.35 14.23 -24.99
CA PRO A 287 8.17 15.11 -25.13
C PRO A 287 8.36 16.60 -24.79
N PHE A 288 9.24 16.91 -23.84
CA PHE A 288 9.39 18.30 -23.35
C PHE A 288 10.73 18.98 -23.66
N LEU A 289 11.58 18.29 -24.37
CA LEU A 289 12.83 18.85 -24.77
C LEU A 289 12.65 20.06 -25.68
N GLY A 290 13.38 21.12 -25.38
CA GLY A 290 13.46 22.29 -26.23
C GLY A 290 14.91 22.54 -26.60
N ASP A 291 15.16 23.66 -27.27
CA ASP A 291 16.49 23.97 -27.78
C ASP A 291 17.51 24.17 -26.70
N ASN A 292 17.05 24.42 -25.48
CA ASN A 292 17.94 24.54 -24.36
C ASN A 292 17.19 24.24 -23.09
N ASP A 293 17.91 24.29 -21.97
CA ASP A 293 17.37 23.86 -20.71
C ASP A 293 16.18 24.72 -20.28
N ALA A 294 16.32 26.04 -20.39
CA ALA A 294 15.24 26.97 -20.09
C ALA A 294 14.01 26.69 -20.95
N GLU A 295 14.21 26.38 -22.22
CA GLU A 295 13.06 26.13 -23.09
C GLU A 295 12.36 24.84 -22.75
N THR A 296 13.14 23.87 -22.26
CA THR A 296 12.63 22.56 -21.83
C THR A 296 11.80 22.76 -20.55
N LEU A 297 12.31 23.61 -19.65
CA LEU A 297 11.61 23.93 -18.41
C LEU A 297 10.28 24.63 -18.73
N ASN A 298 10.33 25.55 -19.68
CA ASN A 298 9.12 26.15 -20.16
C ASN A 298 8.05 25.16 -20.58
N ASN A 299 8.44 24.13 -21.36
CA ASN A 299 7.51 23.08 -21.79
C ASN A 299 6.92 22.29 -20.62
N ILE A 300 7.77 21.93 -19.67
CA ILE A 300 7.28 21.20 -18.50
C ILE A 300 6.23 22.02 -17.73
N LEU A 301 6.54 23.29 -17.47
CA LEU A 301 5.67 24.17 -16.70
C LEU A 301 4.40 24.61 -17.45
N ALA A 302 4.46 24.61 -18.78
CA ALA A 302 3.26 24.89 -19.56
C ALA A 302 2.51 23.59 -19.86
N CYS A 303 3.10 22.46 -19.42
CA CYS A 303 2.65 21.12 -19.82
C CYS A 303 2.35 21.05 -21.31
N ARG A 304 3.34 21.50 -22.10
CA ARG A 304 3.19 21.64 -23.52
C ARG A 304 3.79 20.43 -24.26
N TRP A 305 2.91 19.62 -24.83
CA TRP A 305 3.29 18.42 -25.58
C TRP A 305 2.14 18.11 -26.52
N ASP A 306 2.39 17.31 -27.55
CA ASP A 306 1.34 16.83 -28.43
C ASP A 306 1.78 15.57 -29.16
N LEU A 307 0.84 14.98 -29.89
CA LEU A 307 1.05 13.73 -30.59
C LEU A 307 0.88 13.97 -32.07
N GLU A 308 1.37 15.11 -32.52
CA GLU A 308 1.21 15.51 -33.90
C GLU A 308 2.36 15.09 -34.77
N ASP A 309 3.47 14.69 -34.16
CA ASP A 309 4.61 14.17 -34.93
C ASP A 309 4.18 12.98 -35.76
N GLU A 310 4.91 12.73 -36.84
CA GLU A 310 4.50 11.69 -37.77
C GLU A 310 4.65 10.28 -37.19
N GLU A 311 5.54 10.15 -36.22
CA GLU A 311 5.73 8.91 -35.48
C GLU A 311 4.44 8.47 -34.80
N PHE A 312 3.62 9.43 -34.38
CA PHE A 312 2.34 9.11 -33.72
C PHE A 312 1.16 8.93 -34.68
N GLN A 313 1.37 9.10 -35.98
CA GLN A 313 0.24 9.04 -36.91
C GLN A 313 -0.38 7.65 -36.95
N ASP A 314 0.45 6.62 -36.76
CA ASP A 314 -0.03 5.26 -36.88
C ASP A 314 -0.38 4.54 -35.59
N ILE A 315 -0.38 5.26 -34.47
CA ILE A 315 -0.67 4.60 -33.19
C ILE A 315 -2.15 4.61 -32.84
N SER A 316 -2.53 3.67 -31.98
CA SER A 316 -3.90 3.48 -31.56
C SER A 316 -4.43 4.65 -30.74
N GLU A 317 -5.74 4.80 -30.70
CA GLU A 317 -6.36 5.82 -29.87
C GLU A 317 -6.09 5.56 -28.41
N GLU A 318 -6.03 4.28 -28.04
CA GLU A 318 -5.77 3.89 -26.65
C GLU A 318 -4.44 4.47 -26.19
N ALA A 319 -3.38 4.25 -26.98
CA ALA A 319 -2.06 4.83 -26.69
C ALA A 319 -2.12 6.34 -26.38
N LYS A 320 -2.77 7.06 -27.29
CA LYS A 320 -2.99 8.49 -27.17
C LYS A 320 -3.73 8.83 -25.87
N GLU A 321 -4.78 8.08 -25.55
CA GLU A 321 -5.53 8.33 -24.31
C GLU A 321 -4.66 8.04 -23.06
N PHE A 322 -3.92 6.93 -23.12
CA PHE A 322 -3.00 6.58 -22.05
C PHE A 322 -2.09 7.76 -21.67
N ILE A 323 -1.30 8.23 -22.63
CA ILE A 323 -0.38 9.33 -22.36
C ILE A 323 -1.14 10.56 -21.83
N SER A 324 -2.33 10.81 -22.37
CA SER A 324 -3.16 11.95 -21.95
C SER A 324 -3.58 11.86 -20.50
N LYS A 325 -3.49 10.66 -19.95
CA LYS A 325 -3.94 10.47 -18.59
C LYS A 325 -2.79 10.54 -17.63
N LEU A 326 -1.59 10.78 -18.16
CA LEU A 326 -0.39 10.84 -17.34
C LEU A 326 0.36 12.17 -17.46
N LEU A 327 0.47 12.71 -18.67
CA LEU A 327 1.13 14.00 -18.85
C LEU A 327 0.16 15.15 -18.54
N ILE A 328 -0.17 15.23 -17.25
CA ILE A 328 -1.08 16.24 -16.74
C ILE A 328 -0.36 17.09 -15.68
N LYS A 329 -0.43 18.41 -15.79
CA LYS A 329 0.37 19.22 -14.91
C LYS A 329 -0.01 18.94 -13.47
N GLU A 330 -1.30 18.96 -13.21
CA GLU A 330 -1.78 18.84 -11.85
C GLU A 330 -1.77 17.34 -11.46
N LYS A 331 -0.96 17.01 -10.44
CA LYS A 331 -0.74 15.63 -9.95
C LYS A 331 -1.98 14.75 -9.80
N SER A 332 -2.95 15.25 -9.03
CA SER A 332 -4.13 14.49 -8.61
C SER A 332 -4.99 13.97 -9.72
N TRP A 333 -4.72 14.41 -10.94
CA TRP A 333 -5.53 13.98 -12.07
C TRP A 333 -4.92 12.80 -12.84
N ARG A 334 -3.64 12.52 -12.57
CA ARG A 334 -2.98 11.44 -13.26
C ARG A 334 -3.54 10.14 -12.76
N ILE A 335 -3.65 9.16 -13.65
CA ILE A 335 -4.06 7.83 -13.25
C ILE A 335 -2.96 7.19 -12.41
N SER A 336 -3.32 6.23 -11.56
CA SER A 336 -2.29 5.52 -10.78
C SER A 336 -1.62 4.40 -11.63
N ALA A 337 -0.63 3.72 -11.04
CA ALA A 337 0.04 2.59 -11.70
C ALA A 337 -0.96 1.49 -11.92
N SER A 338 -1.76 1.23 -10.90
CA SER A 338 -2.75 0.18 -10.92
C SER A 338 -3.80 0.46 -12.02
N GLU A 339 -4.23 1.71 -12.14
CA GLU A 339 -5.16 2.12 -13.19
C GLU A 339 -4.51 2.05 -14.57
N ALA A 340 -3.23 2.43 -14.63
CA ALA A 340 -2.47 2.35 -15.86
C ALA A 340 -2.48 0.91 -16.43
N LEU A 341 -2.28 -0.08 -15.55
CA LEU A 341 -2.28 -1.47 -15.96
C LEU A 341 -3.67 -1.90 -16.43
N LYS A 342 -4.70 -1.38 -15.77
CA LYS A 342 -6.09 -1.70 -16.10
C LYS A 342 -6.60 -1.00 -17.35
N HIS A 343 -5.84 0.00 -17.85
CA HIS A 343 -6.21 0.82 -19.01
C HIS A 343 -6.23 0.05 -20.31
N PRO A 344 -7.21 0.32 -21.19
CA PRO A 344 -7.31 -0.43 -22.43
C PRO A 344 -6.01 -0.55 -23.24
N TRP A 345 -5.13 0.46 -23.22
CA TRP A 345 -3.86 0.32 -23.92
C TRP A 345 -3.06 -0.91 -23.48
N LEU A 346 -3.07 -1.15 -22.17
CA LEU A 346 -2.25 -2.20 -21.57
C LEU A 346 -3.00 -3.50 -21.29
N SER A 347 -4.33 -3.44 -21.28
CA SER A 347 -5.15 -4.58 -20.86
C SER A 347 -6.07 -5.16 -21.94
N ASP A 348 -6.41 -4.39 -22.98
CA ASP A 348 -7.40 -4.81 -23.98
C ASP A 348 -6.89 -5.89 -24.96
N HIS A 349 -7.43 -7.10 -24.81
CA HIS A 349 -6.95 -8.26 -25.57
C HIS A 349 -7.25 -8.18 -27.07
N LYS A 350 -8.47 -7.71 -27.41
CA LYS A 350 -8.90 -7.59 -28.81
C LYS A 350 -8.07 -6.55 -29.57
N LEU A 351 -7.53 -5.58 -28.84
CA LEU A 351 -6.62 -4.57 -29.39
C LEU A 351 -5.24 -5.16 -29.65
N HIS A 352 -4.70 -5.88 -28.66
CA HIS A 352 -3.39 -6.55 -28.81
C HIS A 352 -3.42 -7.60 -29.94
N SER A 353 -4.56 -8.24 -30.11
CA SER A 353 -4.75 -9.15 -31.21
C SER A 353 -4.65 -8.44 -32.54
N ARG A 354 -5.38 -7.34 -32.67
CA ARG A 354 -5.37 -6.57 -33.90
C ARG A 354 -3.97 -6.11 -34.14
N LEU A 355 -3.32 -5.68 -33.06
CA LEU A 355 -1.96 -5.23 -33.16
C LEU A 355 -1.10 -6.38 -33.62
N SER A 356 -1.30 -7.57 -33.10
CA SER A 356 -0.47 -8.67 -33.61
C SER A 356 -0.67 -8.96 -35.12
N ALA A 357 -1.94 -9.07 -35.54
CA ALA A 357 -2.31 -9.30 -36.96
C ALA A 357 -1.48 -8.47 -37.94
N GLN A 358 -1.41 -7.16 -37.71
CA GLN A 358 -0.48 -6.27 -38.44
C GLN A 358 0.94 -6.85 -38.43
N ILE B 66 -2.31 -10.39 28.75
CA ILE B 66 -2.59 -11.72 28.06
C ILE B 66 -3.17 -11.49 26.65
N PRO B 67 -2.43 -11.95 25.60
CA PRO B 67 -2.91 -11.92 24.21
C PRO B 67 -4.03 -12.94 23.95
N ALA B 68 -4.97 -12.58 23.08
CA ALA B 68 -6.17 -13.39 22.82
C ALA B 68 -5.83 -14.82 22.39
N PRO B 69 -6.66 -15.81 22.81
CA PRO B 69 -6.41 -17.16 22.33
C PRO B 69 -6.64 -17.19 20.82
N PRO B 70 -5.79 -17.95 20.09
CA PRO B 70 -5.93 -18.16 18.64
C PRO B 70 -7.18 -18.95 18.29
N ALA B 71 -7.49 -18.99 16.99
CA ALA B 71 -8.57 -19.81 16.48
C ALA B 71 -8.21 -21.27 16.72
N PRO B 72 -9.22 -22.15 16.88
CA PRO B 72 -8.89 -23.57 17.09
C PRO B 72 -8.50 -24.30 15.80
N PHE B 73 -8.16 -23.57 14.75
CA PHE B 73 -7.61 -24.15 13.54
C PHE B 73 -6.48 -23.25 13.07
N ASP B 74 -5.64 -23.77 12.18
CA ASP B 74 -4.59 -22.97 11.57
C ASP B 74 -5.19 -22.09 10.48
N HIS B 75 -4.60 -20.89 10.33
CA HIS B 75 -4.95 -19.96 9.27
C HIS B 75 -5.04 -20.69 7.93
N ARG B 76 -6.14 -20.49 7.22
CA ARG B 76 -6.38 -21.14 5.90
C ARG B 76 -6.41 -20.13 4.77
N ILE B 77 -6.02 -20.55 3.56
CA ILE B 77 -6.27 -19.77 2.36
C ILE B 77 -7.54 -20.31 1.78
N VAL B 78 -8.65 -19.63 2.08
CA VAL B 78 -9.97 -20.03 1.67
C VAL B 78 -10.33 -19.57 0.26
N THR B 79 -10.96 -20.46 -0.49
CA THR B 79 -11.57 -20.15 -1.78
C THR B 79 -13.04 -20.55 -1.69
N ALA B 80 -13.95 -19.67 -2.10
CA ALA B 80 -15.39 -19.96 -2.06
C ALA B 80 -15.75 -21.15 -2.96
N LYS B 81 -16.35 -22.16 -2.34
CA LYS B 81 -16.79 -23.37 -3.03
C LYS B 81 -18.16 -23.15 -3.65
N GLN B 82 -18.41 -23.80 -4.78
CA GLN B 82 -19.76 -23.80 -5.36
C GLN B 82 -20.59 -24.87 -4.65
N GLY B 83 -21.72 -24.47 -4.09
CA GLY B 83 -22.56 -25.41 -3.38
C GLY B 83 -23.24 -24.87 -2.13
N ALA B 84 -23.64 -25.80 -1.28
CA ALA B 84 -24.52 -25.47 -0.17
C ALA B 84 -23.78 -25.74 1.11
N VAL B 85 -23.71 -24.70 1.93
CA VAL B 85 -23.10 -24.74 3.26
C VAL B 85 -23.74 -25.90 4.06
N ASN B 86 -25.01 -26.12 3.79
CA ASN B 86 -25.79 -27.20 4.36
C ASN B 86 -25.24 -28.63 4.23
N SER B 87 -24.53 -28.89 3.14
CA SER B 87 -24.02 -30.24 2.87
C SER B 87 -22.78 -30.57 3.71
N PHE B 88 -22.18 -29.56 4.35
CA PHE B 88 -20.96 -29.74 5.12
C PHE B 88 -21.04 -29.13 6.51
N TYR B 89 -22.07 -28.33 6.77
CA TYR B 89 -22.22 -27.66 8.06
C TYR B 89 -23.68 -27.77 8.55
N THR B 90 -23.85 -27.88 9.85
CA THR B 90 -25.16 -27.79 10.44
C THR B 90 -25.29 -26.36 10.97
N VAL B 91 -26.11 -25.55 10.31
CA VAL B 91 -26.28 -24.14 10.64
C VAL B 91 -27.43 -23.97 11.62
N SER B 92 -27.18 -23.29 12.74
CA SER B 92 -28.22 -23.12 13.75
C SER B 92 -29.34 -22.16 13.33
N LYS B 93 -30.56 -22.60 13.57
CA LYS B 93 -31.71 -21.84 13.18
C LYS B 93 -32.19 -20.98 14.34
N THR B 94 -31.70 -21.25 15.53
CA THR B 94 -32.12 -20.48 16.68
C THR B 94 -31.00 -19.64 17.29
N GLU B 95 -29.77 -20.04 17.08
CA GLU B 95 -28.68 -19.33 17.73
C GLU B 95 -28.00 -18.33 16.80
N ILE B 96 -28.46 -17.08 16.90
CA ILE B 96 -28.03 -15.97 16.02
C ILE B 96 -27.13 -14.98 16.76
N LEU B 97 -25.99 -14.68 16.14
CA LEU B 97 -24.92 -13.93 16.79
C LEU B 97 -24.98 -12.40 16.58
N GLY B 98 -25.40 -11.97 15.39
CA GLY B 98 -25.50 -10.56 15.04
C GLY B 98 -26.25 -10.31 13.75
N GLY B 99 -26.65 -9.06 13.51
CA GLY B 99 -27.52 -8.71 12.36
C GLY B 99 -26.75 -7.95 11.28
N GLY B 100 -27.49 -7.33 10.36
CA GLY B 100 -26.89 -6.55 9.26
C GLY B 100 -27.86 -6.36 8.10
N GLY B 103 -27.23 -9.59 6.01
CA GLY B 103 -25.97 -10.17 6.46
C GLY B 103 -25.95 -10.85 7.84
N GLN B 104 -26.85 -11.79 8.09
CA GLN B 104 -26.97 -12.42 9.42
C GLN B 104 -25.91 -13.47 9.80
N VAL B 105 -25.63 -13.60 11.09
CA VAL B 105 -24.60 -14.50 11.59
C VAL B 105 -25.23 -15.54 12.49
N HIS B 106 -25.14 -16.79 12.06
CA HIS B 106 -25.67 -17.93 12.78
C HIS B 106 -24.55 -18.77 13.35
N LYS B 107 -24.79 -19.37 14.51
CA LYS B 107 -23.85 -20.34 15.02
C LYS B 107 -23.96 -21.58 14.14
N CYS B 108 -22.86 -22.27 13.94
CA CYS B 108 -22.88 -23.52 13.17
C CYS B 108 -21.81 -24.48 13.63
N GLU B 109 -21.76 -25.62 12.94
CA GLU B 109 -20.96 -26.75 13.34
C GLU B 109 -20.53 -27.50 12.07
N GLU B 110 -19.24 -27.81 11.94
CA GLU B 110 -18.79 -28.66 10.84
C GLU B 110 -19.29 -30.09 11.09
N THR B 111 -20.17 -30.58 10.22
CA THR B 111 -20.82 -31.87 10.40
C THR B 111 -19.82 -33.02 10.58
N ALA B 112 -18.79 -33.03 9.75
CA ALA B 112 -17.77 -34.08 9.79
C ALA B 112 -17.00 -34.16 11.11
N THR B 113 -16.71 -33.01 11.73
CA THR B 113 -15.75 -32.96 12.83
C THR B 113 -16.38 -32.59 14.16
N GLY B 114 -17.43 -31.76 14.10
CA GLY B 114 -18.13 -31.31 15.29
C GLY B 114 -17.71 -29.92 15.70
N LEU B 115 -16.76 -29.36 14.96
CA LEU B 115 -16.14 -28.10 15.28
C LEU B 115 -17.17 -26.96 15.25
N LYS B 116 -17.16 -26.13 16.28
CA LYS B 116 -18.12 -25.04 16.39
C LYS B 116 -17.62 -23.78 15.68
N LEU B 117 -18.43 -23.24 14.77
CA LEU B 117 -18.03 -22.11 13.97
C LEU B 117 -19.13 -21.05 13.90
N ALA B 118 -18.90 -19.98 13.13
CA ALA B 118 -19.93 -18.97 12.87
C ALA B 118 -20.15 -18.87 11.35
N ALA B 119 -21.42 -18.78 10.93
CA ALA B 119 -21.75 -18.75 9.51
C ALA B 119 -22.38 -17.40 9.20
N LYS B 120 -21.72 -16.58 8.40
CA LYS B 120 -22.22 -15.26 8.02
C LYS B 120 -22.85 -15.37 6.64
N ILE B 121 -24.16 -15.27 6.58
CA ILE B 121 -24.85 -15.37 5.29
C ILE B 121 -24.91 -13.97 4.69
N ILE B 122 -24.13 -13.73 3.64
CA ILE B 122 -24.13 -12.44 2.96
C ILE B 122 -25.01 -12.46 1.69
N LYS B 123 -26.13 -11.74 1.71
CA LYS B 123 -26.97 -11.66 0.50
C LYS B 123 -26.27 -10.83 -0.57
N THR B 124 -26.40 -11.24 -1.84
CA THR B 124 -25.69 -10.60 -2.94
C THR B 124 -26.63 -10.45 -4.12
N ARG B 125 -26.99 -9.20 -4.43
CA ARG B 125 -27.90 -8.91 -5.54
C ARG B 125 -27.25 -9.22 -6.89
N GLY B 126 -26.05 -8.68 -7.15
CA GLY B 126 -25.46 -8.85 -8.46
C GLY B 126 -23.99 -9.28 -8.43
N MET B 127 -23.39 -9.28 -9.62
CA MET B 127 -22.01 -9.70 -9.81
C MET B 127 -21.05 -8.85 -8.97
N LYS B 128 -21.28 -7.54 -8.93
CA LYS B 128 -20.44 -6.61 -8.18
C LYS B 128 -20.46 -6.90 -6.69
N ASP B 129 -21.63 -7.26 -6.15
CA ASP B 129 -21.78 -7.66 -4.74
C ASP B 129 -20.96 -8.92 -4.45
N LYS B 130 -20.94 -9.84 -5.41
CA LYS B 130 -20.22 -11.09 -5.27
C LYS B 130 -18.74 -10.82 -5.29
N GLU B 131 -18.33 -9.91 -6.15
CA GLU B 131 -16.92 -9.56 -6.27
C GLU B 131 -16.39 -8.90 -5.00
N GLU B 132 -17.28 -8.22 -4.29
CA GLU B 132 -16.91 -7.55 -3.04
C GLU B 132 -16.61 -8.56 -1.93
N VAL B 133 -17.43 -9.60 -1.87
CA VAL B 133 -17.27 -10.62 -0.85
C VAL B 133 -16.00 -11.41 -1.15
N LYS B 134 -15.82 -11.77 -2.43
CA LYS B 134 -14.62 -12.46 -2.85
C LYS B 134 -13.34 -11.70 -2.50
N ASN B 135 -13.36 -10.36 -2.55
CA ASN B 135 -12.26 -9.54 -2.06
C ASN B 135 -12.13 -9.62 -0.55
N GLU B 136 -13.26 -9.68 0.14
CA GLU B 136 -13.26 -9.88 1.59
C GLU B 136 -12.54 -11.17 1.95
N ILE B 137 -12.86 -12.24 1.22
CA ILE B 137 -12.21 -13.54 1.43
C ILE B 137 -10.70 -13.40 1.26
N SER B 138 -10.33 -12.94 0.06
CA SER B 138 -8.95 -12.69 -0.28
C SER B 138 -8.23 -11.81 0.75
N VAL B 139 -8.93 -10.87 1.38
CA VAL B 139 -8.30 -10.07 2.42
C VAL B 139 -8.08 -10.88 3.70
N MET B 140 -9.13 -11.54 4.18
CA MET B 140 -8.96 -12.41 5.34
C MET B 140 -7.81 -13.39 5.15
N ASN B 141 -7.71 -13.94 3.92
CA ASN B 141 -6.62 -14.84 3.56
C ASN B 141 -5.21 -14.35 3.89
N GLN B 142 -5.06 -13.03 3.99
CA GLN B 142 -3.77 -12.42 4.23
C GLN B 142 -3.59 -11.95 5.66
N LEU B 143 -4.60 -12.19 6.49
CA LEU B 143 -4.59 -11.73 7.89
C LEU B 143 -4.62 -12.89 8.90
N ASP B 144 -3.46 -13.19 9.47
CA ASP B 144 -3.34 -14.27 10.42
C ASP B 144 -2.90 -13.74 11.76
N HIS B 145 -3.83 -13.56 12.69
CA HIS B 145 -3.51 -12.87 13.92
C HIS B 145 -4.64 -13.12 14.91
N ALA B 146 -4.28 -13.25 16.20
CA ALA B 146 -5.22 -13.63 17.23
C ALA B 146 -6.29 -12.59 17.47
N ASN B 147 -6.04 -11.37 17.03
CA ASN B 147 -7.02 -10.30 17.18
C ASN B 147 -7.87 -10.09 15.92
N LEU B 148 -7.69 -10.94 14.92
CA LEU B 148 -8.49 -10.85 13.71
C LEU B 148 -9.21 -12.17 13.47
N ILE B 149 -10.52 -12.09 13.35
CA ILE B 149 -11.33 -13.29 13.22
C ILE B 149 -10.87 -14.07 11.97
N GLN B 150 -10.83 -15.40 12.09
CA GLN B 150 -10.29 -16.23 11.05
C GLN B 150 -11.34 -16.92 10.19
N LEU B 151 -11.09 -16.92 8.88
CA LEU B 151 -11.96 -17.55 7.91
C LEU B 151 -11.64 -19.02 7.91
N TYR B 152 -12.69 -19.85 7.84
CA TYR B 152 -12.53 -21.29 7.87
C TYR B 152 -12.95 -21.90 6.55
N ASP B 153 -14.07 -21.42 6.00
CA ASP B 153 -14.60 -21.95 4.75
C ASP B 153 -15.58 -20.92 4.16
N ALA B 154 -15.99 -21.11 2.91
CA ALA B 154 -16.92 -20.20 2.26
C ALA B 154 -17.68 -20.90 1.13
N PHE B 155 -18.93 -20.51 0.92
CA PHE B 155 -19.79 -21.14 -0.09
C PHE B 155 -20.56 -20.09 -0.88
N GLU B 156 -20.54 -20.23 -2.21
CA GLU B 156 -21.28 -19.35 -3.10
C GLU B 156 -22.55 -20.01 -3.63
N SER B 157 -23.66 -19.28 -3.57
CA SER B 157 -24.92 -19.71 -4.17
C SER B 157 -25.38 -18.62 -5.11
N LYS B 158 -26.53 -18.83 -5.75
CA LYS B 158 -27.07 -17.83 -6.67
C LYS B 158 -27.28 -16.47 -5.98
N ASN B 159 -27.76 -16.47 -4.74
CA ASN B 159 -28.20 -15.22 -4.11
C ASN B 159 -27.46 -14.82 -2.87
N ASP B 160 -26.38 -15.54 -2.57
CA ASP B 160 -25.59 -15.24 -1.40
C ASP B 160 -24.24 -15.94 -1.40
N ILE B 161 -23.35 -15.46 -0.54
CA ILE B 161 -22.13 -16.17 -0.20
C ILE B 161 -22.12 -16.31 1.33
N VAL B 162 -21.79 -17.51 1.83
CA VAL B 162 -21.75 -17.76 3.26
C VAL B 162 -20.29 -17.88 3.68
N LEU B 163 -19.88 -17.13 4.69
CA LEU B 163 -18.55 -17.34 5.23
C LEU B 163 -18.65 -18.07 6.55
N VAL B 164 -17.86 -19.13 6.68
CA VAL B 164 -17.78 -19.88 7.91
C VAL B 164 -16.49 -19.43 8.54
N MET B 165 -16.62 -18.97 9.79
CA MET B 165 -15.53 -18.33 10.51
C MET B 165 -15.34 -18.93 11.89
N GLU B 166 -14.21 -18.58 12.49
CA GLU B 166 -13.92 -18.81 13.88
C GLU B 166 -15.12 -18.39 14.74
N TYR B 167 -15.49 -19.20 15.72
CA TYR B 167 -16.54 -18.81 16.69
C TYR B 167 -15.92 -18.45 18.05
N VAL B 168 -16.34 -17.33 18.64
CA VAL B 168 -15.85 -16.92 19.95
C VAL B 168 -16.96 -17.13 20.93
N ASP B 169 -16.82 -18.08 21.84
CA ASP B 169 -17.85 -18.36 22.82
C ASP B 169 -17.95 -17.23 23.83
N GLY B 170 -19.19 -16.77 24.08
CA GLY B 170 -19.43 -15.69 25.04
C GLY B 170 -18.88 -14.33 24.59
N GLY B 171 -18.90 -14.10 23.28
CA GLY B 171 -18.53 -12.79 22.77
C GLY B 171 -19.57 -11.73 23.09
N GLU B 172 -19.08 -10.49 23.30
CA GLU B 172 -19.91 -9.32 23.48
C GLU B 172 -19.42 -8.26 22.50
N LEU B 173 -20.32 -7.71 21.68
CA LEU B 173 -19.93 -6.66 20.72
C LEU B 173 -19.54 -5.39 21.45
N PHE B 174 -18.67 -4.61 20.83
CA PHE B 174 -18.08 -3.47 21.52
C PHE B 174 -19.03 -2.33 21.85
N ASP B 175 -20.10 -2.18 21.09
CA ASP B 175 -21.05 -1.10 21.37
C ASP B 175 -21.62 -1.28 22.75
N ARG B 176 -21.95 -2.53 23.05
CA ARG B 176 -22.39 -2.95 24.35
C ARG B 176 -21.35 -2.54 25.38
N ILE B 177 -20.07 -2.80 25.09
CA ILE B 177 -19.01 -2.47 26.06
C ILE B 177 -18.98 -0.96 26.31
N ILE B 178 -19.19 -0.18 25.26
CA ILE B 178 -19.20 1.27 25.34
C ILE B 178 -20.44 1.81 26.10
N ASP B 179 -21.62 1.25 25.83
CA ASP B 179 -22.84 1.55 26.59
C ASP B 179 -22.62 1.38 28.08
N GLU B 180 -21.85 0.36 28.45
CA GLU B 180 -21.57 0.15 29.86
C GLU B 180 -20.21 0.69 30.26
N SER B 181 -19.77 1.76 29.61
CA SER B 181 -18.46 2.32 29.86
C SER B 181 -18.24 2.68 31.33
N TYR B 182 -19.32 2.93 32.07
CA TYR B 182 -19.22 3.30 33.49
C TYR B 182 -18.62 2.20 34.38
N ASN B 183 -18.55 0.99 33.85
CA ASN B 183 -17.92 -0.07 34.61
C ASN B 183 -16.45 -0.28 34.27
N LEU B 184 -15.93 0.48 33.32
CA LEU B 184 -14.51 0.41 32.97
C LEU B 184 -13.68 1.40 33.74
N THR B 185 -12.52 1.00 34.23
CA THR B 185 -11.49 1.94 34.70
C THR B 185 -10.72 2.46 33.49
N GLU B 186 -9.84 3.46 33.67
CA GLU B 186 -9.06 3.97 32.55
C GLU B 186 -8.10 2.90 32.10
N LEU B 187 -7.60 2.14 33.06
CA LEU B 187 -6.70 1.06 32.75
C LEU B 187 -7.38 0.00 31.90
N ASP B 188 -8.65 -0.34 32.21
CA ASP B 188 -9.43 -1.30 31.39
C ASP B 188 -9.45 -0.87 29.92
N THR B 189 -9.55 0.43 29.72
CA THR B 189 -9.68 1.04 28.43
C THR B 189 -8.34 0.95 27.69
N ILE B 190 -7.26 1.24 28.42
CA ILE B 190 -5.91 1.13 27.91
C ILE B 190 -5.67 -0.29 27.36
N LEU B 191 -5.91 -1.30 28.19
CA LEU B 191 -5.75 -2.68 27.79
C LEU B 191 -6.60 -3.02 26.54
N PHE B 192 -7.86 -2.56 26.52
CA PHE B 192 -8.68 -2.80 25.33
C PHE B 192 -8.09 -2.11 24.11
N MET B 193 -7.59 -0.90 24.31
CA MET B 193 -6.96 -0.16 23.23
C MET B 193 -5.66 -0.77 22.66
N LYS B 194 -4.77 -1.25 23.52
CA LYS B 194 -3.59 -2.05 23.08
C LYS B 194 -3.96 -3.16 22.08
N GLN B 195 -5.03 -3.87 22.38
CA GLN B 195 -5.49 -4.99 21.57
C GLN B 195 -6.02 -4.56 20.22
N ILE B 196 -6.91 -3.55 20.24
CA ILE B 196 -7.45 -2.98 19.02
C ILE B 196 -6.30 -2.44 18.13
N CYS B 197 -5.35 -1.73 18.73
CA CYS B 197 -4.22 -1.23 18.00
C CYS B 197 -3.32 -2.36 17.48
N GLU B 198 -3.10 -3.40 18.28
CA GLU B 198 -2.37 -4.58 17.82
C GLU B 198 -2.96 -5.13 16.54
N GLY B 199 -4.28 -5.26 16.54
CA GLY B 199 -4.98 -5.79 15.39
C GLY B 199 -4.71 -4.91 14.20
N ILE B 200 -4.98 -3.61 14.35
CA ILE B 200 -4.75 -2.65 13.27
C ILE B 200 -3.27 -2.57 12.85
N ARG B 201 -2.35 -2.50 13.82
CA ARG B 201 -0.95 -2.47 13.43
C ARG B 201 -0.63 -3.69 12.58
N HIS B 202 -1.21 -4.85 12.90
CA HIS B 202 -0.92 -6.05 12.12
C HIS B 202 -1.44 -5.85 10.69
N MET B 203 -2.70 -5.44 10.58
CA MET B 203 -3.32 -5.21 9.28
C MET B 203 -2.46 -4.29 8.39
N HIS B 204 -1.94 -3.21 8.98
CA HIS B 204 -1.10 -2.27 8.24
C HIS B 204 0.26 -2.86 7.89
N GLN B 205 0.81 -3.70 8.79
CA GLN B 205 2.04 -4.42 8.45
C GLN B 205 1.83 -5.23 7.21
N MET B 206 0.63 -5.76 7.07
CA MET B 206 0.29 -6.52 5.90
C MET B 206 -0.25 -5.67 4.75
N TYR B 207 -0.14 -4.34 4.87
CA TYR B 207 -0.61 -3.36 3.83
C TYR B 207 -2.08 -3.42 3.56
N ILE B 208 -2.86 -3.66 4.60
CA ILE B 208 -4.28 -3.80 4.45
C ILE B 208 -4.97 -2.78 5.31
N LEU B 209 -5.93 -2.08 4.71
CA LEU B 209 -6.74 -1.06 5.34
C LEU B 209 -8.06 -1.68 5.77
N HIS B 210 -8.52 -1.37 6.98
CA HIS B 210 -9.79 -1.87 7.44
C HIS B 210 -10.95 -1.12 6.85
N LEU B 211 -10.93 0.20 7.09
CA LEU B 211 -11.88 1.17 6.51
C LEU B 211 -13.26 1.22 7.15
N ASP B 212 -13.53 0.40 8.16
CA ASP B 212 -14.89 0.37 8.73
C ASP B 212 -14.78 0.06 10.23
N LEU B 213 -13.72 0.60 10.85
CA LEU B 213 -13.48 0.33 12.23
C LEU B 213 -14.47 1.10 13.10
N LYS B 214 -15.38 0.37 13.73
CA LYS B 214 -16.38 0.96 14.61
C LYS B 214 -16.77 -0.06 15.66
N PRO B 215 -17.39 0.38 16.76
CA PRO B 215 -17.70 -0.58 17.83
C PRO B 215 -18.41 -1.85 17.37
N GLU B 216 -19.43 -1.75 16.53
CA GLU B 216 -20.15 -2.96 16.10
C GLU B 216 -19.29 -3.96 15.26
N ASN B 217 -18.07 -3.58 14.91
CA ASN B 217 -17.21 -4.50 14.20
C ASN B 217 -16.11 -5.16 15.09
N ILE B 218 -16.23 -4.97 16.40
CA ILE B 218 -15.21 -5.42 17.33
C ILE B 218 -15.91 -6.21 18.40
N LEU B 219 -15.41 -7.44 18.61
CA LEU B 219 -15.97 -8.33 19.61
C LEU B 219 -15.04 -8.36 20.81
N CYS B 220 -15.63 -8.20 21.98
CA CYS B 220 -14.91 -8.34 23.21
C CYS B 220 -14.99 -9.80 23.63
N VAL B 221 -13.84 -10.47 23.58
CA VAL B 221 -13.71 -11.92 23.76
C VAL B 221 -13.93 -12.29 25.22
N ASN B 222 -13.21 -11.59 26.09
CA ASN B 222 -13.30 -11.77 27.51
C ASN B 222 -13.12 -10.42 28.15
N ARG B 223 -14.11 -10.03 28.94
CA ARG B 223 -14.12 -8.74 29.59
C ARG B 223 -12.97 -8.62 30.59
N ASP B 224 -12.71 -9.69 31.33
CA ASP B 224 -11.67 -9.69 32.33
C ASP B 224 -10.26 -9.67 31.78
N ALA B 225 -10.00 -10.54 30.82
CA ALA B 225 -8.70 -10.61 30.17
C ALA B 225 -8.45 -9.40 29.26
N LYS B 226 -9.52 -8.67 28.96
CA LYS B 226 -9.45 -7.53 28.05
C LYS B 226 -8.96 -7.92 26.68
N GLN B 227 -9.62 -8.93 26.13
CA GLN B 227 -9.26 -9.50 24.86
C GLN B 227 -10.29 -9.17 23.81
N ILE B 228 -9.84 -8.87 22.60
CA ILE B 228 -10.73 -8.43 21.54
C ILE B 228 -10.45 -9.15 20.21
N LYS B 229 -11.47 -9.14 19.35
CA LYS B 229 -11.33 -9.63 17.99
C LYS B 229 -12.11 -8.76 17.04
N ILE B 230 -11.43 -8.19 16.05
CA ILE B 230 -12.08 -7.48 14.95
C ILE B 230 -12.83 -8.56 14.17
N ILE B 231 -14.12 -8.38 13.96
CA ILE B 231 -14.92 -9.49 13.47
C ILE B 231 -15.53 -9.31 12.10
N ASP B 232 -15.24 -8.17 11.45
CA ASP B 232 -15.77 -7.92 10.08
C ASP B 232 -14.73 -7.23 9.24
N PHE B 233 -14.69 -7.57 7.95
CA PHE B 233 -13.71 -6.96 7.01
C PHE B 233 -14.40 -6.62 5.70
N GLY B 234 -15.65 -6.19 5.81
CA GLY B 234 -16.51 -5.98 4.65
C GLY B 234 -16.02 -4.90 3.71
N LEU B 235 -15.29 -3.92 4.25
CA LEU B 235 -14.73 -2.84 3.45
C LEU B 235 -13.22 -2.92 3.31
N ALA B 236 -12.62 -3.84 4.06
CA ALA B 236 -11.15 -3.95 4.12
C ALA B 236 -10.57 -4.25 2.75
N ARG B 237 -9.38 -3.72 2.51
CA ARG B 237 -8.72 -3.92 1.22
C ARG B 237 -7.23 -3.63 1.29
N ARG B 238 -6.54 -4.26 0.36
CA ARG B 238 -5.13 -4.13 0.19
C ARG B 238 -4.89 -2.71 -0.28
N TYR B 239 -3.90 -2.07 0.32
CA TYR B 239 -3.67 -0.66 0.07
C TYR B 239 -3.25 -0.37 -1.38
N LYS B 240 -3.83 0.67 -1.98
CA LYS B 240 -3.27 1.23 -3.20
C LYS B 240 -3.60 2.72 -3.25
N PRO B 241 -2.81 3.50 -4.02
CA PRO B 241 -3.08 4.91 -4.20
C PRO B 241 -4.42 5.11 -4.87
N ARG B 242 -4.99 6.29 -4.63
CA ARG B 242 -6.21 6.70 -5.29
C ARG B 242 -7.41 5.78 -4.97
N GLU B 243 -7.51 5.37 -3.72
CA GLU B 243 -8.62 4.58 -3.27
C GLU B 243 -9.71 5.50 -2.73
N LYS B 244 -10.82 5.58 -3.46
CA LYS B 244 -11.96 6.39 -3.12
C LYS B 244 -13.13 5.47 -2.80
N LEU B 245 -13.76 5.63 -1.65
CA LEU B 245 -14.93 4.82 -1.25
C LEU B 245 -16.27 5.40 -1.64
N LYS B 246 -17.21 4.53 -1.99
CA LYS B 246 -18.61 4.92 -2.15
C LYS B 246 -19.20 5.01 -0.76
N VAL B 247 -19.95 6.05 -0.49
CA VAL B 247 -20.44 6.26 0.85
C VAL B 247 -21.83 6.88 0.88
N ASN B 248 -22.54 6.62 1.96
CA ASN B 248 -23.89 7.12 2.19
C ASN B 248 -23.86 7.86 3.52
N PHE B 249 -24.51 9.01 3.59
CA PHE B 249 -24.38 9.83 4.82
C PHE B 249 -25.41 9.54 5.91
N GLY B 250 -26.19 8.48 5.76
CA GLY B 250 -27.07 8.03 6.82
C GLY B 250 -26.27 7.48 8.00
N THR B 251 -26.49 8.06 9.18
CA THR B 251 -25.75 7.73 10.40
C THR B 251 -24.23 7.78 10.19
N PRO B 252 -23.70 8.99 9.96
CA PRO B 252 -22.33 9.09 9.52
C PRO B 252 -21.30 9.33 10.62
N GLU B 253 -21.67 9.11 11.89
CA GLU B 253 -20.82 9.49 13.02
C GLU B 253 -19.44 8.83 13.06
N PHE B 254 -19.27 7.72 12.36
CA PHE B 254 -17.99 6.98 12.35
C PHE B 254 -17.11 7.25 11.13
N LEU B 255 -17.66 7.93 10.13
CA LEU B 255 -16.90 8.27 8.92
C LEU B 255 -15.76 9.23 9.20
N ALA B 256 -14.63 8.96 8.57
CA ALA B 256 -13.47 9.81 8.65
C ALA B 256 -13.69 10.98 7.69
N PRO B 257 -13.07 12.13 7.98
CA PRO B 257 -13.34 13.28 7.08
C PRO B 257 -12.92 13.07 5.60
N GLU B 258 -11.83 12.39 5.34
CA GLU B 258 -11.51 12.10 3.94
C GLU B 258 -12.56 11.20 3.28
N VAL B 259 -13.34 10.46 4.07
CA VAL B 259 -14.35 9.60 3.44
C VAL B 259 -15.58 10.46 3.15
N VAL B 260 -15.94 11.29 4.13
CA VAL B 260 -17.01 12.25 3.92
C VAL B 260 -16.71 13.18 2.75
N ASN B 261 -15.47 13.66 2.60
CA ASN B 261 -15.18 14.60 1.49
C ASN B 261 -14.84 13.91 0.16
N TYR B 262 -15.15 12.62 0.07
CA TYR B 262 -14.78 11.83 -1.10
C TYR B 262 -13.32 11.98 -1.53
N ASP B 263 -12.38 11.88 -0.59
N ASP B 263 -12.39 11.85 -0.57
CA ASP B 263 -10.96 11.93 -0.92
CA ASP B 263 -10.94 11.93 -0.77
C ASP B 263 -10.47 10.49 -1.07
C ASP B 263 -10.35 10.53 -0.56
N PHE B 264 -9.16 10.31 -1.07
CA PHE B 264 -8.58 8.98 -1.06
C PHE B 264 -8.32 8.47 0.35
N VAL B 265 -8.55 7.19 0.56
CA VAL B 265 -8.36 6.61 1.88
C VAL B 265 -7.00 5.97 1.93
N SER B 266 -6.47 5.82 3.14
CA SER B 266 -5.12 5.30 3.35
C SER B 266 -4.98 4.88 4.83
N PHE B 267 -3.77 4.52 5.24
CA PHE B 267 -3.57 4.01 6.60
C PHE B 267 -4.12 4.94 7.66
N PRO B 268 -3.90 6.28 7.52
CA PRO B 268 -4.43 7.18 8.54
C PRO B 268 -5.97 7.13 8.72
N THR B 269 -6.68 6.65 7.69
CA THR B 269 -8.11 6.54 7.75
C THR B 269 -8.49 5.61 8.92
N ASP B 270 -7.76 4.51 9.09
CA ASP B 270 -8.04 3.63 10.22
C ASP B 270 -7.65 4.31 11.54
N MET B 271 -6.58 5.09 11.52
CA MET B 271 -6.16 5.78 12.74
C MET B 271 -7.16 6.82 13.29
N TRP B 272 -7.88 7.52 12.42
CA TRP B 272 -9.02 8.33 12.86
C TRP B 272 -9.97 7.48 13.71
N SER B 273 -10.38 6.34 13.15
CA SER B 273 -11.34 5.48 13.79
C SER B 273 -10.85 4.94 15.14
N VAL B 274 -9.54 4.79 15.29
CA VAL B 274 -8.97 4.40 16.55
C VAL B 274 -9.17 5.51 17.57
N GLY B 275 -8.96 6.76 17.16
CA GLY B 275 -9.22 7.88 18.05
C GLY B 275 -10.65 7.93 18.54
N VAL B 276 -11.57 7.73 17.61
CA VAL B 276 -13.00 7.69 17.92
C VAL B 276 -13.31 6.65 19.00
N ILE B 277 -12.72 5.46 18.87
CA ILE B 277 -13.04 4.39 19.79
C ILE B 277 -12.44 4.68 21.14
N ALA B 278 -11.24 5.23 21.15
CA ALA B 278 -10.65 5.61 22.44
C ALA B 278 -11.56 6.60 23.14
N TYR B 279 -12.07 7.61 22.41
CA TYR B 279 -12.89 8.67 22.98
C TYR B 279 -14.16 8.06 23.58
N MET B 280 -14.73 7.12 22.83
CA MET B 280 -15.97 6.45 23.23
C MET B 280 -15.80 5.54 24.45
N LEU B 281 -14.67 4.86 24.53
CA LEU B 281 -14.39 4.00 25.69
C LEU B 281 -14.24 4.81 26.96
N LEU B 282 -13.50 5.90 26.86
CA LEU B 282 -13.24 6.74 28.01
C LEU B 282 -14.46 7.50 28.53
N SER B 283 -15.39 7.83 27.65
CA SER B 283 -16.48 8.70 28.01
C SER B 283 -17.87 8.08 27.87
N GLY B 284 -18.02 7.11 26.98
CA GLY B 284 -19.36 6.60 26.67
C GLY B 284 -20.06 7.41 25.59
N LEU B 285 -19.40 8.47 25.13
CA LEU B 285 -19.95 9.40 24.15
C LEU B 285 -19.33 9.29 22.74
N SER B 286 -20.16 9.54 21.73
CA SER B 286 -19.71 9.66 20.35
C SER B 286 -19.19 11.08 20.14
N PRO B 287 -17.91 11.21 19.79
CA PRO B 287 -17.28 12.54 19.71
C PRO B 287 -17.91 13.52 18.70
N PHE B 288 -18.41 13.03 17.58
CA PHE B 288 -18.91 13.90 16.51
C PHE B 288 -20.41 13.92 16.25
N LEU B 289 -21.15 13.08 16.98
CA LEU B 289 -22.58 13.00 16.86
C LEU B 289 -23.21 14.33 17.22
N GLY B 290 -24.15 14.75 16.38
CA GLY B 290 -24.97 15.92 16.63
C GLY B 290 -26.45 15.55 16.61
N ASP B 291 -27.30 16.57 16.57
CA ASP B 291 -28.74 16.37 16.75
C ASP B 291 -29.36 15.64 15.58
N ASN B 292 -28.64 15.64 14.47
CA ASN B 292 -29.07 14.96 13.26
C ASN B 292 -27.86 14.68 12.39
N ASP B 293 -28.09 13.99 11.28
CA ASP B 293 -27.00 13.53 10.43
C ASP B 293 -26.18 14.67 9.85
N ALA B 294 -26.86 15.72 9.42
CA ALA B 294 -26.21 16.92 8.87
C ALA B 294 -25.32 17.60 9.90
N GLU B 295 -25.76 17.61 11.15
CA GLU B 295 -24.99 18.30 12.17
C GLU B 295 -23.77 17.47 12.50
N THR B 296 -23.96 16.15 12.45
CA THR B 296 -22.87 15.20 12.69
C THR B 296 -21.79 15.40 11.64
N LEU B 297 -22.20 15.44 10.37
CA LEU B 297 -21.26 15.74 9.28
C LEU B 297 -20.52 17.06 9.48
N ASN B 298 -21.25 18.10 9.90
CA ASN B 298 -20.64 19.37 10.19
C ASN B 298 -19.50 19.20 11.16
N ASN B 299 -19.75 18.52 12.29
CA ASN B 299 -18.67 18.26 13.25
C ASN B 299 -17.47 17.52 12.69
N ILE B 300 -17.72 16.53 11.82
CA ILE B 300 -16.61 15.79 11.24
C ILE B 300 -15.76 16.70 10.34
N LEU B 301 -16.41 17.49 9.49
CA LEU B 301 -15.70 18.36 8.55
C LEU B 301 -15.03 19.57 9.21
N ALA B 302 -15.58 19.99 10.35
CA ALA B 302 -15.01 21.09 11.10
C ALA B 302 -14.02 20.53 12.08
N CYS B 303 -13.94 19.18 12.11
CA CYS B 303 -13.16 18.46 13.12
C CYS B 303 -13.39 19.08 14.52
N ARG B 304 -14.66 19.20 14.89
CA ARG B 304 -15.04 19.86 16.12
C ARG B 304 -15.29 18.81 17.18
N TRP B 305 -14.40 18.78 18.17
CA TRP B 305 -14.53 17.92 19.33
C TRP B 305 -13.72 18.51 20.49
N ASP B 306 -14.06 18.16 21.72
CA ASP B 306 -13.23 18.52 22.87
C ASP B 306 -13.30 17.46 23.97
N LEU B 307 -12.54 17.69 25.01
CA LEU B 307 -12.45 16.78 26.13
C LEU B 307 -12.92 17.52 27.36
N GLU B 308 -13.91 18.37 27.17
CA GLU B 308 -14.42 19.20 28.24
C GLU B 308 -15.54 18.61 29.03
N ASP B 309 -16.11 17.51 28.56
CA ASP B 309 -17.15 16.84 29.30
C ASP B 309 -16.61 16.38 30.63
N GLU B 310 -17.50 16.21 31.59
CA GLU B 310 -17.08 15.89 32.93
C GLU B 310 -16.50 14.46 32.98
N GLU B 311 -16.96 13.61 32.07
CA GLU B 311 -16.39 12.29 31.89
C GLU B 311 -14.87 12.29 31.66
N PHE B 312 -14.34 13.34 31.06
CA PHE B 312 -12.89 13.45 30.86
C PHE B 312 -12.14 14.15 31.99
N GLN B 313 -12.85 14.62 33.01
CA GLN B 313 -12.21 15.40 34.06
C GLN B 313 -11.14 14.62 34.82
N ASP B 314 -11.35 13.31 34.99
CA ASP B 314 -10.45 12.47 35.81
C ASP B 314 -9.44 11.66 35.04
N ILE B 315 -9.26 11.97 33.77
CA ILE B 315 -8.42 11.20 32.86
C ILE B 315 -7.00 11.73 32.79
N SER B 316 -6.04 10.82 32.56
CA SER B 316 -4.63 11.18 32.39
C SER B 316 -4.38 12.15 31.24
N GLU B 317 -3.32 12.93 31.37
CA GLU B 317 -2.89 13.80 30.29
C GLU B 317 -2.53 13.00 29.07
N GLU B 318 -1.97 11.81 29.27
CA GLU B 318 -1.53 11.04 28.12
C GLU B 318 -2.70 10.51 27.31
N ALA B 319 -3.78 10.13 27.98
CA ALA B 319 -5.02 9.74 27.26
C ALA B 319 -5.48 10.85 26.34
N LYS B 320 -5.47 12.08 26.89
CA LYS B 320 -5.84 13.28 26.16
C LYS B 320 -4.91 13.55 24.98
N GLU B 321 -3.60 13.38 25.17
CA GLU B 321 -2.67 13.61 24.07
C GLU B 321 -2.93 12.57 22.98
N PHE B 322 -3.15 11.34 23.41
CA PHE B 322 -3.37 10.23 22.51
C PHE B 322 -4.48 10.57 21.53
N ILE B 323 -5.67 10.86 22.07
CA ILE B 323 -6.79 11.25 21.22
C ILE B 323 -6.43 12.43 20.30
N SER B 324 -5.64 13.37 20.81
CA SER B 324 -5.28 14.58 20.07
C SER B 324 -4.41 14.30 18.89
N LYS B 325 -3.81 13.11 18.87
CA LYS B 325 -2.86 12.75 17.83
C LYS B 325 -3.53 11.93 16.77
N LEU B 326 -4.80 11.63 16.98
CA LEU B 326 -5.53 10.84 16.02
C LEU B 326 -6.73 11.59 15.41
N LEU B 327 -7.45 12.37 16.21
CA LEU B 327 -8.61 13.08 15.71
C LEU B 327 -8.17 14.42 15.11
N ILE B 328 -7.48 14.30 13.99
CA ILE B 328 -6.93 15.41 13.24
C ILE B 328 -7.48 15.28 11.82
N LYS B 329 -8.05 16.36 11.29
CA LYS B 329 -8.71 16.30 10.01
C LYS B 329 -7.76 15.86 8.92
N GLU B 330 -6.56 16.44 8.94
CA GLU B 330 -5.57 16.21 7.90
C GLU B 330 -4.86 14.87 8.18
N LYS B 331 -5.04 13.92 7.27
CA LYS B 331 -4.53 12.54 7.40
C LYS B 331 -3.07 12.45 7.77
N SER B 332 -2.26 13.24 7.08
CA SER B 332 -0.82 13.18 7.23
C SER B 332 -0.28 13.52 8.61
N TRP B 333 -1.14 14.03 9.50
CA TRP B 333 -0.68 14.42 10.84
C TRP B 333 -1.01 13.44 11.94
N ARG B 334 -1.86 12.45 11.63
CA ARG B 334 -2.24 11.39 12.56
C ARG B 334 -1.06 10.46 12.82
N ILE B 335 -0.94 9.94 14.03
CA ILE B 335 0.10 8.97 14.34
C ILE B 335 -0.26 7.61 13.74
N SER B 336 0.74 6.78 13.50
CA SER B 336 0.49 5.50 12.84
C SER B 336 0.05 4.52 13.92
N ALA B 337 -0.39 3.32 13.49
CA ALA B 337 -0.80 2.29 14.44
C ALA B 337 0.37 1.94 15.33
N SER B 338 1.54 1.90 14.70
CA SER B 338 2.75 1.48 15.37
C SER B 338 3.17 2.55 16.40
N GLU B 339 2.95 3.82 16.05
CA GLU B 339 3.26 4.94 16.92
C GLU B 339 2.31 4.96 18.08
N ALA B 340 1.05 4.63 17.78
CA ALA B 340 0.00 4.53 18.79
C ALA B 340 0.38 3.55 19.90
N LEU B 341 0.84 2.37 19.52
CA LEU B 341 1.25 1.40 20.51
C LEU B 341 2.45 1.91 21.32
N LYS B 342 3.33 2.68 20.69
CA LYS B 342 4.53 3.15 21.38
C LYS B 342 4.27 4.42 22.18
N HIS B 343 3.04 4.94 22.11
CA HIS B 343 2.66 6.18 22.81
C HIS B 343 2.49 6.01 24.33
N PRO B 344 3.00 6.98 25.13
CA PRO B 344 2.93 6.86 26.60
C PRO B 344 1.58 6.34 27.16
N TRP B 345 0.45 6.77 26.60
CA TRP B 345 -0.81 6.23 27.07
C TRP B 345 -0.80 4.70 27.07
N LEU B 346 -0.31 4.10 25.99
CA LEU B 346 -0.40 2.65 25.84
C LEU B 346 0.82 1.88 26.35
N SER B 347 1.96 2.56 26.43
CA SER B 347 3.23 1.89 26.72
C SER B 347 3.90 2.21 28.07
N ASP B 348 3.59 3.36 28.67
CA ASP B 348 4.26 3.81 29.90
C ASP B 348 3.89 2.98 31.13
N HIS B 349 4.85 2.22 31.65
CA HIS B 349 4.62 1.30 32.76
C HIS B 349 4.38 1.97 34.12
N LYS B 350 5.08 3.09 34.36
CA LYS B 350 4.94 3.87 35.60
C LYS B 350 3.58 4.54 35.68
N LEU B 351 3.00 4.85 34.52
CA LEU B 351 1.65 5.40 34.43
C LEU B 351 0.60 4.33 34.73
N HIS B 352 0.74 3.17 34.09
CA HIS B 352 -0.19 2.05 34.30
C HIS B 352 -0.16 1.60 35.76
N SER B 353 1.01 1.78 36.39
CA SER B 353 1.23 1.45 37.78
C SER B 353 0.44 2.37 38.70
N ARG B 354 0.52 3.65 38.42
CA ARG B 354 -0.26 4.64 39.13
C ARG B 354 -1.70 4.31 38.91
N LEU B 355 -2.02 3.98 37.66
CA LEU B 355 -3.36 3.68 37.26
C LEU B 355 -3.74 2.32 37.79
#